data_7PCD
#
_entry.id   7PCD
#
_cell.length_a   34.009
_cell.length_b   94.471
_cell.length_c   80.325
_cell.angle_alpha   90.000
_cell.angle_beta   90.000
_cell.angle_gamma   90.000
#
_symmetry.space_group_name_H-M   'P 21 21 21'
#
loop_
_entity.id
_entity.type
_entity.pdbx_description
1 polymer 'Receptor tyrosine-protein kinase erbB-2'
2 non-polymer 1-[4-[4-[[3,5-bis(chloranyl)-4-([1,2,4]triazolo[1,5-a]pyridin-7-yloxy)phenyl]amino]pyrimido[5,4-d]pyrimidin-6-yl]piperazin-1-yl]-4-(3-fluoranylazetidin-1-yl)butan-1-one
3 water water
#
_entity_poly.entity_id   1
_entity_poly.type   'polypeptide(L)'
_entity_poly.pdbx_seq_one_letter_code
;SGAAPNQALLRILKETELRKVKVLGSGAFGTVYKGIWIPDGENVKIPVAIKVLRENTSPKANKEILDEAYVMAGVGSPYV
SRLLGICLTSTVQLVTQLMPYGCLLDHVRENRGRLGSQDLLNWCMQIAKGMSYLEDVRLVHRDLAARNVLVKSPNHVKIT
DFGLARLLDIDETEYHADGGKVPIKWMALESILRRRFTHQSDVWSYGVTVWELMTFGAKPYDGIPAREIPDLLEKGERLP
QPPICTIDVYMIMVKCWMIDSECRPRFRELVSEFSRMARDPQRFVVIQNEDLGPASPLDSTFYRSLLEDDDMGDLVDAEE
YLVPQQG
;
_entity_poly.pdbx_strand_id   A
#
# COMPACT_ATOMS: atom_id res chain seq x y z
N ALA A 8 24.68 -3.54 -0.75
CA ALA A 8 25.36 -3.39 0.59
C ALA A 8 25.44 -1.93 1.05
N LEU A 9 26.00 -1.08 0.21
CA LEU A 9 26.23 0.34 0.52
C LEU A 9 24.95 1.17 0.47
N LEU A 10 25.00 2.36 1.06
CA LEU A 10 23.89 3.31 1.14
C LEU A 10 24.30 4.64 0.51
N ARG A 11 23.46 5.18 -0.37
CA ARG A 11 23.73 6.46 -1.05
C ARG A 11 23.28 7.65 -0.20
N ILE A 12 24.25 8.48 0.22
CA ILE A 12 24.00 9.69 0.98
C ILE A 12 23.94 10.86 0.00
N LEU A 13 22.82 11.61 0.02
CA LEU A 13 22.63 12.80 -0.81
C LEU A 13 22.84 14.05 0.05
N LYS A 14 23.65 14.99 -0.44
CA LYS A 14 23.87 16.28 0.25
C LYS A 14 22.63 17.17 0.16
N GLU A 15 22.47 18.07 1.13
CA GLU A 15 21.33 19.02 1.18
C GLU A 15 21.25 19.93 -0.07
N THR A 16 22.41 20.32 -0.60
CA THR A 16 22.49 21.13 -1.84
C THR A 16 21.96 20.43 -3.11
N GLU A 17 21.92 19.10 -3.12
CA GLU A 17 21.30 18.31 -4.22
C GLU A 17 19.76 18.34 -4.26
N LEU A 18 19.10 18.71 -3.15
CA LEU A 18 17.64 18.61 -3.00
C LEU A 18 16.96 19.98 -2.87
N ARG A 19 15.73 20.06 -3.40
CA ARG A 19 14.90 21.26 -3.32
C ARG A 19 13.42 20.89 -3.10
N LYS A 20 12.84 21.34 -1.98
CA LYS A 20 11.42 21.13 -1.66
C LYS A 20 10.55 22.20 -2.31
N VAL A 21 9.43 21.77 -2.91
CA VAL A 21 8.50 22.65 -3.66
C VAL A 21 7.12 22.77 -2.97
N LYS A 22 6.51 21.63 -2.62
CA LYS A 22 5.12 21.57 -2.10
C LYS A 22 4.97 20.47 -1.04
N VAL A 23 4.05 20.66 -0.09
CA VAL A 23 3.69 19.63 0.90
C VAL A 23 2.65 18.71 0.26
N LEU A 24 2.92 17.39 0.28
CA LEU A 24 1.99 16.36 -0.25
C LEU A 24 1.12 15.71 0.83
N GLY A 25 1.68 15.47 2.02
CA GLY A 25 0.95 14.86 3.14
C GLY A 25 1.81 14.59 4.36
N SER A 26 1.23 13.92 5.35
CA SER A 26 1.95 13.55 6.58
C SER A 26 1.26 12.44 7.38
N GLY A 27 1.97 11.95 8.40
CA GLY A 27 1.44 11.02 9.40
C GLY A 27 2.13 11.19 10.74
N ALA A 28 2.07 10.13 11.54
CA ALA A 28 2.71 10.10 12.88
C ALA A 28 4.24 10.19 12.85
N PHE A 29 4.87 9.66 11.79
CA PHE A 29 6.34 9.54 11.69
C PHE A 29 7.03 10.67 10.94
N GLY A 30 6.40 11.21 9.90
CA GLY A 30 6.98 12.33 9.14
C GLY A 30 6.05 13.08 8.21
N THR A 31 6.65 14.04 7.49
CA THR A 31 5.99 14.92 6.51
C THR A 31 6.60 14.68 5.12
N VAL A 32 5.76 14.45 4.12
CA VAL A 32 6.17 14.16 2.74
C VAL A 32 6.05 15.44 1.90
N TYR A 33 7.13 15.79 1.19
CA TYR A 33 7.19 16.95 0.29
C TYR A 33 7.43 16.51 -1.16
N LYS A 34 6.84 17.23 -2.10
CA LYS A 34 7.21 17.17 -3.53
C LYS A 34 8.50 17.97 -3.72
N GLY A 35 9.41 17.46 -4.56
CA GLY A 35 10.70 18.10 -4.79
C GLY A 35 11.48 17.64 -6.01
N ILE A 36 12.68 18.20 -6.16
CA ILE A 36 13.60 17.92 -7.28
C ILE A 36 14.97 17.51 -6.71
N TRP A 37 15.55 16.44 -7.28
CA TRP A 37 16.91 15.97 -7.01
C TRP A 37 17.81 16.24 -8.23
N ILE A 38 18.92 16.96 -8.02
CA ILE A 38 19.98 17.19 -9.02
C ILE A 38 21.24 16.49 -8.47
N PRO A 39 21.56 15.27 -8.98
CA PRO A 39 22.80 14.60 -8.53
C PRO A 39 24.09 15.35 -8.93
N ASP A 40 25.10 15.34 -8.05
CA ASP A 40 26.38 16.03 -8.31
C ASP A 40 27.16 15.38 -9.46
N GLY A 41 27.78 16.22 -10.28
CA GLY A 41 28.49 15.78 -11.50
C GLY A 41 27.62 15.17 -12.59
N GLU A 42 26.35 15.55 -12.65
CA GLU A 42 25.39 15.07 -13.66
C GLU A 42 24.46 16.21 -14.09
N ASN A 43 24.16 16.27 -15.40
CA ASN A 43 23.31 17.31 -15.99
C ASN A 43 21.88 16.77 -16.15
N VAL A 44 21.25 16.47 -15.00
CA VAL A 44 19.90 15.89 -14.93
C VAL A 44 19.08 16.45 -13.76
N LYS A 45 17.75 16.42 -13.91
CA LYS A 45 16.79 16.72 -12.84
C LYS A 45 15.83 15.53 -12.69
N ILE A 46 15.66 15.06 -11.45
CA ILE A 46 14.79 13.92 -11.12
C ILE A 46 13.71 14.42 -10.15
N PRO A 47 12.40 14.28 -10.51
CA PRO A 47 11.34 14.62 -9.54
C PRO A 47 11.22 13.55 -8.45
N VAL A 48 11.14 13.99 -7.21
CA VAL A 48 11.22 13.11 -6.03
C VAL A 48 10.15 13.45 -4.99
N ALA A 49 9.84 12.47 -4.13
CA ALA A 49 9.17 12.69 -2.86
C ALA A 49 10.23 12.61 -1.75
N ILE A 50 10.13 13.53 -0.78
CA ILE A 50 11.08 13.66 0.33
C ILE A 50 10.30 13.57 1.64
N LYS A 51 10.54 12.51 2.43
CA LYS A 51 9.90 12.32 3.74
C LYS A 51 10.83 12.75 4.88
N VAL A 52 10.49 13.86 5.54
CA VAL A 52 11.25 14.40 6.68
C VAL A 52 10.64 13.83 7.96
N LEU A 53 11.42 13.05 8.71
CA LEU A 53 10.97 12.46 9.98
C LEU A 53 10.84 13.54 11.05
N ARG A 54 9.87 13.36 11.96
CA ARG A 54 9.60 14.34 13.03
C ARG A 54 10.69 14.33 14.10
N GLU A 55 11.10 15.52 14.54
CA GLU A 55 12.22 15.69 15.50
C GLU A 55 11.90 15.27 16.95
N ASN A 56 10.63 15.35 17.35
CA ASN A 56 10.19 14.96 18.71
C ASN A 56 10.37 13.46 19.05
N THR A 57 10.29 12.59 18.04
CA THR A 57 10.35 11.13 18.22
C THR A 57 11.75 10.67 18.63
N SER A 58 11.82 9.63 19.47
CA SER A 58 13.10 9.11 19.99
C SER A 58 13.91 8.35 18.92
N PRO A 59 15.23 8.15 19.15
CA PRO A 59 16.07 7.38 18.21
C PRO A 59 15.62 5.94 17.89
N LYS A 60 15.21 5.18 18.92
CA LYS A 60 14.69 3.80 18.73
C LYS A 60 13.39 3.71 17.90
N ALA A 61 12.56 4.75 17.93
CA ALA A 61 11.30 4.80 17.17
C ALA A 61 11.54 4.93 15.66
N ASN A 62 12.35 5.91 15.27
CA ASN A 62 12.76 6.10 13.86
C ASN A 62 13.66 4.99 13.28
N LYS A 63 14.29 4.19 14.14
CA LYS A 63 15.16 3.07 13.73
C LYS A 63 14.48 1.99 12.88
N GLU A 64 13.27 1.60 13.28
CA GLU A 64 12.47 0.59 12.55
C GLU A 64 12.06 1.00 11.11
N ILE A 65 11.91 2.31 10.85
CA ILE A 65 11.57 2.84 9.51
C ILE A 65 12.75 2.66 8.55
N LEU A 66 13.95 3.00 9.02
CA LEU A 66 15.19 2.89 8.22
C LEU A 66 15.58 1.44 7.93
N ASP A 67 15.58 0.61 8.98
CA ASP A 67 15.93 -0.83 8.88
C ASP A 67 15.04 -1.62 7.92
N GLU A 68 13.74 -1.27 7.88
CA GLU A 68 12.78 -1.89 6.97
C GLU A 68 13.08 -1.58 5.49
N ALA A 69 13.53 -0.35 5.21
CA ALA A 69 14.02 0.04 3.87
C ALA A 69 15.29 -0.70 3.42
N TYR A 70 16.21 -0.93 4.37
CA TYR A 70 17.50 -1.61 4.06
C TYR A 70 17.39 -3.11 3.74
N VAL A 71 16.28 -3.75 4.14
CA VAL A 71 15.96 -5.14 3.74
C VAL A 71 15.81 -5.27 2.20
N MET A 72 15.22 -4.25 1.56
CA MET A 72 14.94 -4.24 0.10
C MET A 72 16.11 -3.62 -0.68
N ALA A 73 17.31 -4.15 -0.46
CA ALA A 73 18.56 -3.53 -0.93
C ALA A 73 18.85 -3.77 -2.42
N GLY A 74 18.63 -5.01 -2.88
CA GLY A 74 19.03 -5.44 -4.23
C GLY A 74 18.15 -4.98 -5.37
N VAL A 75 17.71 -5.93 -6.20
CA VAL A 75 16.95 -5.62 -7.44
C VAL A 75 15.59 -5.01 -7.18
N GLY A 76 14.87 -5.55 -6.19
CA GLY A 76 13.55 -5.06 -5.80
C GLY A 76 12.42 -5.55 -6.69
N SER A 77 11.27 -4.88 -6.57
CA SER A 77 10.08 -5.10 -7.41
C SER A 77 9.66 -3.75 -8.01
N PRO A 78 9.19 -3.74 -9.28
CA PRO A 78 8.65 -2.49 -9.85
C PRO A 78 7.31 -2.00 -9.23
N TYR A 79 6.63 -2.85 -8.45
CA TYR A 79 5.36 -2.53 -7.79
C TYR A 79 5.49 -2.27 -6.27
N VAL A 80 6.72 -1.98 -5.79
CA VAL A 80 6.98 -1.52 -4.41
C VAL A 80 7.96 -0.34 -4.47
N SER A 81 7.67 0.68 -3.66
CA SER A 81 8.50 1.91 -3.57
C SER A 81 9.96 1.58 -3.27
N ARG A 82 10.87 2.31 -3.92
CA ARG A 82 12.32 2.08 -3.87
C ARG A 82 12.98 3.31 -3.26
N LEU A 83 13.81 3.11 -2.23
CA LEU A 83 14.57 4.20 -1.60
C LEU A 83 15.76 4.52 -2.49
N LEU A 84 15.82 5.77 -2.98
CA LEU A 84 16.95 6.26 -3.79
C LEU A 84 18.17 6.58 -2.92
N GLY A 85 17.92 7.18 -1.76
CA GLY A 85 18.96 7.45 -0.76
C GLY A 85 18.40 8.20 0.44
N ILE A 86 19.30 8.69 1.31
CA ILE A 86 18.94 9.55 2.46
C ILE A 86 19.79 10.81 2.53
N CYS A 87 19.24 11.87 3.14
CA CYS A 87 19.96 13.13 3.38
C CYS A 87 19.90 13.42 4.88
N LEU A 88 21.07 13.67 5.48
CA LEU A 88 21.24 13.81 6.93
C LEU A 88 21.78 15.19 7.29
N THR A 89 20.86 16.08 7.67
CA THR A 89 21.16 17.40 8.23
C THR A 89 20.87 17.29 9.76
N SER A 90 20.29 18.32 10.39
CA SER A 90 19.63 18.16 11.70
C SER A 90 18.43 17.18 11.67
N THR A 91 17.77 17.07 10.50
CA THR A 91 16.68 16.12 10.23
C THR A 91 17.11 14.92 9.38
N VAL A 92 16.33 13.84 9.47
CA VAL A 92 16.48 12.63 8.64
C VAL A 92 15.47 12.73 7.49
N GLN A 93 15.98 12.68 6.25
CA GLN A 93 15.19 12.91 5.04
C GLN A 93 15.32 11.70 4.10
N LEU A 94 14.21 10.99 3.87
CA LEU A 94 14.18 9.79 3.01
C LEU A 94 13.71 10.20 1.60
N VAL A 95 14.42 9.76 0.57
CA VAL A 95 14.21 10.23 -0.83
C VAL A 95 13.81 9.05 -1.73
N THR A 96 12.76 9.29 -2.54
CA THR A 96 12.21 8.29 -3.47
C THR A 96 11.66 8.96 -4.74
N GLN A 97 11.48 8.17 -5.80
CA GLN A 97 10.90 8.65 -7.07
C GLN A 97 9.47 9.16 -6.83
N LEU A 98 9.14 10.34 -7.39
CA LEU A 98 7.79 10.92 -7.30
C LEU A 98 6.79 10.12 -8.13
N MET A 99 5.65 9.78 -7.51
CA MET A 99 4.52 9.14 -8.18
C MET A 99 3.50 10.25 -8.47
N PRO A 100 3.49 10.80 -9.71
CA PRO A 100 2.79 12.08 -9.97
C PRO A 100 1.25 12.10 -9.87
N TYR A 101 0.58 10.94 -9.92
CA TYR A 101 -0.88 10.83 -9.77
C TYR A 101 -1.37 10.54 -8.32
N GLY A 102 -0.48 10.57 -7.34
CA GLY A 102 -0.86 10.47 -5.92
C GLY A 102 -1.30 9.08 -5.51
N CYS A 103 -2.21 8.99 -4.54
CA CYS A 103 -2.68 7.70 -4.02
C CYS A 103 -3.84 7.15 -4.85
N LEU A 104 -3.93 5.82 -4.88
CA LEU A 104 -4.91 5.11 -5.70
C LEU A 104 -6.37 5.32 -5.24
N LEU A 105 -6.61 5.55 -3.94
CA LEU A 105 -7.97 5.85 -3.42
C LEU A 105 -8.54 7.14 -4.03
N ASP A 106 -7.75 8.21 -4.00
CA ASP A 106 -8.14 9.49 -4.65
C ASP A 106 -8.31 9.35 -6.17
N HIS A 107 -7.41 8.59 -6.80
CA HIS A 107 -7.44 8.38 -8.26
C HIS A 107 -8.73 7.69 -8.75
N VAL A 108 -9.14 6.60 -8.09
CA VAL A 108 -10.38 5.87 -8.46
C VAL A 108 -11.68 6.68 -8.25
N ARG A 109 -11.71 7.48 -7.18
CA ARG A 109 -12.85 8.38 -6.91
C ARG A 109 -13.00 9.49 -7.96
N GLU A 110 -11.89 10.12 -8.33
CA GLU A 110 -11.87 11.16 -9.39
C GLU A 110 -12.27 10.66 -10.77
N ASN A 111 -11.77 9.47 -11.14
CA ASN A 111 -11.94 8.90 -12.49
C ASN A 111 -13.01 7.77 -12.61
N ARG A 112 -14.00 7.79 -11.71
CA ARG A 112 -15.13 6.83 -11.72
C ARG A 112 -15.89 6.72 -13.05
N GLY A 113 -16.07 7.85 -13.73
CA GLY A 113 -16.77 7.91 -15.01
C GLY A 113 -16.10 7.23 -16.20
N ARG A 114 -14.77 7.21 -16.24
CA ARG A 114 -13.98 6.80 -17.43
C ARG A 114 -12.98 5.63 -17.26
N LEU A 115 -12.99 4.94 -16.10
CA LEU A 115 -12.13 3.77 -15.86
C LEU A 115 -12.77 2.49 -16.42
N GLY A 116 -11.93 1.62 -16.99
CA GLY A 116 -12.35 0.35 -17.59
C GLY A 116 -12.07 -0.86 -16.72
N SER A 117 -12.61 -2.01 -17.14
CA SER A 117 -12.39 -3.31 -16.47
C SER A 117 -10.93 -3.78 -16.52
N GLN A 118 -10.26 -3.53 -17.64
CA GLN A 118 -8.82 -3.82 -17.82
C GLN A 118 -7.96 -3.10 -16.77
N ASP A 119 -8.25 -1.83 -16.53
CA ASP A 119 -7.46 -0.99 -15.59
C ASP A 119 -7.53 -1.51 -14.14
N LEU A 120 -8.76 -1.79 -13.68
CA LEU A 120 -9.02 -2.27 -12.31
C LEU A 120 -8.38 -3.64 -12.01
N LEU A 121 -8.52 -4.58 -12.94
CA LEU A 121 -7.92 -5.93 -12.78
C LEU A 121 -6.40 -5.96 -12.94
N ASN A 122 -5.84 -5.09 -13.80
CA ASN A 122 -4.38 -4.87 -13.87
C ASN A 122 -3.79 -4.38 -12.53
N TRP A 123 -4.47 -3.42 -11.89
CA TRP A 123 -4.07 -2.92 -10.56
C TRP A 123 -4.09 -4.01 -9.48
N CYS A 124 -5.15 -4.83 -9.48
CA CYS A 124 -5.28 -6.00 -8.57
C CYS A 124 -4.09 -6.97 -8.68
N MET A 125 -3.71 -7.29 -9.93
CA MET A 125 -2.53 -8.13 -10.23
C MET A 125 -1.21 -7.50 -9.77
N GLN A 126 -1.02 -6.20 -10.08
CA GLN A 126 0.21 -5.47 -9.70
C GLN A 126 0.43 -5.37 -8.19
N ILE A 127 -0.64 -5.09 -7.44
CA ILE A 127 -0.62 -5.06 -5.97
C ILE A 127 -0.24 -6.45 -5.41
N ALA A 128 -0.83 -7.52 -5.98
CA ALA A 128 -0.49 -8.91 -5.62
C ALA A 128 0.98 -9.29 -5.89
N LYS A 129 1.51 -8.84 -7.03
CA LYS A 129 2.95 -9.02 -7.36
C LYS A 129 3.89 -8.30 -6.38
N GLY A 130 3.54 -7.06 -6.01
CA GLY A 130 4.28 -6.28 -5.02
C GLY A 130 4.30 -6.90 -3.63
N MET A 131 3.13 -7.37 -3.19
CA MET A 131 3.00 -8.09 -1.92
C MET A 131 3.74 -9.44 -1.91
N SER A 132 3.79 -10.14 -3.05
CA SER A 132 4.61 -11.35 -3.22
C SER A 132 6.10 -11.08 -2.99
N TYR A 133 6.60 -9.94 -3.47
CA TYR A 133 7.99 -9.51 -3.22
C TYR A 133 8.26 -9.23 -1.73
N LEU A 134 7.34 -8.52 -1.06
CA LEU A 134 7.46 -8.26 0.39
C LEU A 134 7.50 -9.56 1.23
N GLU A 135 6.73 -10.56 0.81
CA GLU A 135 6.81 -11.91 1.39
C GLU A 135 8.15 -12.62 1.11
N ASP A 136 8.71 -12.45 -0.10
CA ASP A 136 10.05 -12.99 -0.44
C ASP A 136 11.19 -12.47 0.46
N VAL A 137 11.14 -11.18 0.81
CA VAL A 137 12.11 -10.54 1.74
C VAL A 137 11.67 -10.52 3.23
N ARG A 138 10.58 -11.22 3.56
CA ARG A 138 10.05 -11.40 4.92
C ARG A 138 9.67 -10.10 5.65
N LEU A 139 8.99 -9.21 4.91
CA LEU A 139 8.56 -7.90 5.39
C LEU A 139 7.03 -7.89 5.48
N VAL A 140 6.50 -7.82 6.71
CA VAL A 140 5.06 -7.72 6.96
C VAL A 140 4.68 -6.24 6.88
N HIS A 141 3.71 -5.90 6.03
CA HIS A 141 3.30 -4.51 5.79
C HIS A 141 2.57 -3.89 6.98
N ARG A 142 1.54 -4.59 7.47
CA ARG A 142 0.68 -4.19 8.63
C ARG A 142 -0.37 -3.08 8.38
N ASP A 143 -0.44 -2.54 7.17
CA ASP A 143 -1.29 -1.39 6.82
C ASP A 143 -1.53 -1.23 5.31
N LEU A 144 -1.80 -2.36 4.63
CA LEU A 144 -2.16 -2.33 3.21
C LEU A 144 -3.58 -1.78 3.09
N ALA A 145 -3.71 -0.74 2.27
CA ALA A 145 -5.00 -0.10 1.96
C ALA A 145 -4.85 0.73 0.68
N ALA A 146 -5.97 1.11 0.07
CA ALA A 146 -5.95 1.90 -1.19
C ALA A 146 -5.27 3.28 -1.04
N ARG A 147 -5.40 3.87 0.15
CA ARG A 147 -4.66 5.10 0.53
C ARG A 147 -3.11 4.99 0.55
N ASN A 148 -2.59 3.77 0.75
CA ASN A 148 -1.15 3.47 0.80
C ASN A 148 -0.56 2.77 -0.46
N VAL A 149 -1.30 2.81 -1.58
CA VAL A 149 -0.80 2.44 -2.90
C VAL A 149 -0.73 3.75 -3.68
N LEU A 150 0.41 4.01 -4.33
CA LEU A 150 0.60 5.20 -5.17
C LEU A 150 0.48 4.85 -6.66
N VAL A 151 0.25 5.89 -7.47
CA VAL A 151 0.03 5.75 -8.92
C VAL A 151 1.17 6.46 -9.68
N LYS A 152 2.08 5.67 -10.29
CA LYS A 152 3.12 6.19 -11.19
C LYS A 152 2.48 6.69 -12.48
N SER A 153 1.62 5.85 -13.06
CA SER A 153 0.69 6.22 -14.13
C SER A 153 -0.52 5.29 -14.04
N PRO A 154 -1.64 5.58 -14.75
CA PRO A 154 -2.82 4.68 -14.74
C PRO A 154 -2.62 3.18 -15.08
N ASN A 155 -1.49 2.79 -15.69
CA ASN A 155 -1.10 1.37 -15.85
C ASN A 155 0.11 0.88 -14.99
N HIS A 156 0.51 1.64 -13.96
CA HIS A 156 1.65 1.29 -13.08
C HIS A 156 1.43 1.87 -11.67
N VAL A 157 1.22 0.97 -10.69
CA VAL A 157 1.06 1.33 -9.26
C VAL A 157 2.18 0.75 -8.40
N LYS A 158 2.43 1.37 -7.24
CA LYS A 158 3.46 0.97 -6.28
C LYS A 158 2.97 1.01 -4.84
N ILE A 159 3.25 -0.04 -4.06
CA ILE A 159 2.95 -0.10 -2.61
C ILE A 159 4.00 0.73 -1.84
N THR A 160 3.52 1.47 -0.84
CA THR A 160 4.39 2.23 0.11
C THR A 160 3.74 2.31 1.51
N ASP A 161 4.25 3.18 2.38
CA ASP A 161 3.63 3.51 3.69
C ASP A 161 3.57 2.28 4.62
N PHE A 162 4.73 1.65 4.76
CA PHE A 162 4.90 0.36 5.45
C PHE A 162 4.62 0.58 6.95
N GLY A 163 3.67 -0.18 7.49
CA GLY A 163 3.14 0.05 8.83
C GLY A 163 4.04 -0.37 9.97
N LEU A 164 3.94 0.34 11.09
CA LEU A 164 4.64 -0.02 12.34
C LEU A 164 4.02 0.65 13.57
N ALA A 165 4.13 -0.01 14.72
CA ALA A 165 3.70 0.55 16.01
C ALA A 165 4.74 1.53 16.52
N ARG A 166 4.29 2.67 17.05
CA ARG A 166 5.17 3.73 17.54
C ARG A 166 5.73 3.37 18.92
N LEU A 167 7.05 3.15 19.00
CA LEU A 167 7.72 2.86 20.28
C LEU A 167 7.84 4.16 21.08
N LEU A 168 7.19 4.21 22.24
CA LEU A 168 7.21 5.35 23.16
C LEU A 168 7.86 4.96 24.49
N ASP A 169 8.66 5.89 25.04
CA ASP A 169 9.15 5.78 26.43
C ASP A 169 8.01 5.94 27.45
N ILE A 170 7.11 6.90 27.17
CA ILE A 170 5.86 7.28 27.91
C ILE A 170 5.98 8.69 28.51
N ASP A 171 7.16 9.02 29.04
CA ASP A 171 7.52 10.36 29.56
C ASP A 171 6.67 10.79 30.76
N VAL A 182 -5.54 2.58 15.17
CA VAL A 182 -5.27 1.47 14.26
C VAL A 182 -6.38 1.29 13.20
N PRO A 183 -6.03 0.78 11.99
CA PRO A 183 -7.01 0.63 10.91
C PRO A 183 -7.86 -0.66 11.05
N ILE A 184 -8.78 -0.64 12.02
CA ILE A 184 -9.60 -1.83 12.40
C ILE A 184 -10.35 -2.47 11.22
N LYS A 185 -10.92 -1.63 10.35
CA LYS A 185 -11.73 -2.10 9.21
C LYS A 185 -10.94 -2.74 8.03
N TRP A 186 -9.60 -2.63 8.05
CA TRP A 186 -8.70 -3.37 7.13
C TRP A 186 -8.01 -4.60 7.76
N MET A 187 -8.16 -4.81 9.08
CA MET A 187 -7.37 -5.79 9.84
C MET A 187 -8.04 -7.17 9.90
N ALA A 188 -7.21 -8.21 9.89
CA ALA A 188 -7.67 -9.59 10.14
C ALA A 188 -8.13 -9.74 11.60
N LEU A 189 -9.02 -10.71 11.84
CA LEU A 189 -9.64 -10.92 13.16
C LEU A 189 -8.61 -11.12 14.29
N GLU A 190 -7.64 -12.00 14.03
CA GLU A 190 -6.48 -12.21 14.92
C GLU A 190 -5.67 -10.92 15.23
N SER A 191 -5.50 -10.04 14.25
CA SER A 191 -4.82 -8.75 14.42
C SER A 191 -5.58 -7.76 15.32
N ILE A 192 -6.91 -7.74 15.23
CA ILE A 192 -7.76 -6.89 16.10
C ILE A 192 -7.69 -7.37 17.56
N LEU A 193 -7.89 -8.68 17.77
CA LEU A 193 -8.06 -9.25 19.10
C LEU A 193 -6.74 -9.54 19.85
N ARG A 194 -5.70 -9.95 19.11
CA ARG A 194 -4.38 -10.29 19.69
C ARG A 194 -3.18 -9.43 19.27
N ARG A 195 -3.36 -8.51 18.30
CA ARG A 195 -2.26 -7.75 17.66
C ARG A 195 -1.20 -8.65 16.96
N ARG A 196 -1.65 -9.78 16.41
CA ARG A 196 -0.81 -10.71 15.64
C ARG A 196 -0.82 -10.27 14.17
N PHE A 197 0.35 -9.94 13.62
CA PHE A 197 0.52 -9.54 12.21
C PHE A 197 1.46 -10.51 11.49
N THR A 198 0.97 -11.06 10.37
CA THR A 198 1.71 -12.03 9.53
C THR A 198 1.50 -11.73 8.04
N HIS A 199 2.14 -12.52 7.17
CA HIS A 199 1.87 -12.45 5.73
C HIS A 199 0.42 -12.84 5.38
N GLN A 200 -0.17 -13.76 6.15
CA GLN A 200 -1.58 -14.13 5.98
C GLN A 200 -2.59 -13.07 6.48
N SER A 201 -2.23 -12.25 7.46
CA SER A 201 -3.06 -11.08 7.84
C SER A 201 -2.98 -9.95 6.79
N ASP A 202 -1.82 -9.77 6.14
CA ASP A 202 -1.69 -8.91 4.94
C ASP A 202 -2.65 -9.31 3.81
N VAL A 203 -2.86 -10.61 3.61
CA VAL A 203 -3.82 -11.13 2.61
C VAL A 203 -5.27 -10.68 2.89
N TRP A 204 -5.67 -10.63 4.17
CA TRP A 204 -6.98 -10.07 4.58
C TRP A 204 -7.12 -8.63 4.09
N SER A 205 -6.12 -7.81 4.45
CA SER A 205 -6.05 -6.39 4.04
C SER A 205 -6.02 -6.17 2.53
N TYR A 206 -5.36 -7.08 1.79
CA TYR A 206 -5.43 -7.12 0.33
C TYR A 206 -6.87 -7.26 -0.20
N GLY A 207 -7.64 -8.17 0.40
CA GLY A 207 -9.07 -8.36 0.11
C GLY A 207 -9.92 -7.10 0.25
N VAL A 208 -9.65 -6.34 1.31
CA VAL A 208 -10.36 -5.07 1.58
C VAL A 208 -9.91 -3.99 0.57
N THR A 209 -8.61 -3.94 0.25
CA THR A 209 -8.06 -3.06 -0.79
C THR A 209 -8.72 -3.31 -2.16
N VAL A 210 -8.84 -4.58 -2.55
CA VAL A 210 -9.54 -4.97 -3.79
C VAL A 210 -11.02 -4.50 -3.77
N TRP A 211 -11.69 -4.64 -2.62
CA TRP A 211 -13.06 -4.13 -2.43
C TRP A 211 -13.17 -2.59 -2.61
N GLU A 212 -12.20 -1.84 -2.09
CA GLU A 212 -12.12 -0.38 -2.32
C GLU A 212 -12.06 0.01 -3.81
N LEU A 213 -11.21 -0.68 -4.56
CA LEU A 213 -11.03 -0.41 -6.00
C LEU A 213 -12.27 -0.75 -6.82
N MET A 214 -12.86 -1.91 -6.54
CA MET A 214 -14.07 -2.37 -7.24
C MET A 214 -15.36 -1.62 -6.90
N THR A 215 -15.38 -0.84 -5.81
CA THR A 215 -16.47 0.08 -5.46
C THR A 215 -16.17 1.56 -5.77
N PHE A 216 -15.11 1.83 -6.56
CA PHE A 216 -14.63 3.20 -6.86
C PHE A 216 -14.35 4.06 -5.60
N GLY A 217 -13.80 3.41 -4.57
CA GLY A 217 -13.39 4.08 -3.34
C GLY A 217 -14.45 4.28 -2.27
N ALA A 218 -15.37 3.32 -2.15
CA ALA A 218 -16.37 3.34 -1.06
C ALA A 218 -15.71 3.05 0.29
N LYS A 219 -16.32 3.58 1.36
CA LYS A 219 -15.84 3.40 2.73
C LYS A 219 -16.30 2.02 3.24
N PRO A 220 -15.38 1.12 3.67
CA PRO A 220 -15.80 -0.20 4.14
C PRO A 220 -16.51 -0.14 5.49
N TYR A 221 -17.63 -0.86 5.62
CA TYR A 221 -18.47 -0.89 6.84
C TYR A 221 -18.95 0.52 7.25
N ASP A 222 -19.40 1.30 6.26
CA ASP A 222 -19.75 2.72 6.47
C ASP A 222 -20.98 2.84 7.35
N GLY A 223 -20.85 3.54 8.49
CA GLY A 223 -21.88 3.62 9.52
C GLY A 223 -21.70 2.70 10.72
N ILE A 224 -21.04 1.54 10.53
CA ILE A 224 -20.81 0.56 11.60
C ILE A 224 -19.60 1.01 12.44
N PRO A 225 -19.77 1.23 13.77
CA PRO A 225 -18.62 1.52 14.65
C PRO A 225 -17.61 0.37 14.74
N ALA A 226 -16.34 0.72 14.95
CA ALA A 226 -15.23 -0.25 14.95
C ALA A 226 -15.33 -1.33 16.04
N ARG A 227 -15.85 -0.95 17.21
CA ARG A 227 -16.11 -1.89 18.33
C ARG A 227 -17.03 -3.08 17.99
N GLU A 228 -17.98 -2.85 17.06
CA GLU A 228 -18.89 -3.90 16.56
C GLU A 228 -18.33 -4.87 15.49
N ILE A 229 -17.17 -4.58 14.92
CA ILE A 229 -16.60 -5.34 13.79
C ILE A 229 -16.25 -6.82 14.13
N PRO A 230 -15.50 -7.08 15.24
CA PRO A 230 -15.16 -8.48 15.62
C PRO A 230 -16.35 -9.46 15.76
N ASP A 231 -17.42 -9.02 16.42
CA ASP A 231 -18.65 -9.83 16.58
C ASP A 231 -19.34 -10.12 15.24
N LEU A 232 -19.44 -9.10 14.38
CA LEU A 232 -19.99 -9.28 13.00
C LEU A 232 -19.19 -10.27 12.15
N LEU A 233 -17.86 -10.18 12.20
CA LEU A 233 -16.98 -11.12 11.46
C LEU A 233 -17.12 -12.57 11.93
N GLU A 234 -17.19 -12.79 13.25
CA GLU A 234 -17.43 -14.14 13.82
C GLU A 234 -18.82 -14.73 13.53
N LYS A 235 -19.83 -13.87 13.45
CA LYS A 235 -21.18 -14.25 12.98
C LYS A 235 -21.23 -14.71 11.51
N GLY A 236 -20.27 -14.23 10.68
CA GLY A 236 -20.18 -14.55 9.25
C GLY A 236 -20.49 -13.39 8.29
N GLU A 237 -20.82 -12.20 8.83
CA GLU A 237 -21.03 -10.99 8.01
C GLU A 237 -19.71 -10.53 7.36
N ARG A 238 -19.81 -10.16 6.09
CA ARG A 238 -18.69 -9.65 5.29
C ARG A 238 -19.14 -8.48 4.45
N LEU A 239 -18.17 -7.72 3.93
CA LEU A 239 -18.41 -6.61 3.02
C LEU A 239 -19.21 -7.08 1.79
N PRO A 240 -20.14 -6.26 1.27
CA PRO A 240 -21.02 -6.73 0.20
C PRO A 240 -20.32 -6.90 -1.15
N GLN A 241 -20.94 -7.69 -2.03
CA GLN A 241 -20.47 -7.86 -3.40
C GLN A 241 -20.53 -6.50 -4.11
N PRO A 242 -19.38 -6.01 -4.67
CA PRO A 242 -19.45 -4.75 -5.42
C PRO A 242 -20.37 -4.85 -6.66
N PRO A 243 -21.19 -3.79 -6.94
CA PRO A 243 -22.09 -3.78 -8.11
C PRO A 243 -21.49 -4.18 -9.47
N ILE A 244 -20.25 -3.77 -9.76
CA ILE A 244 -19.57 -4.14 -11.03
C ILE A 244 -19.01 -5.57 -11.10
N CYS A 245 -18.76 -6.21 -9.95
CA CYS A 245 -18.09 -7.53 -9.88
C CYS A 245 -19.01 -8.70 -10.16
N THR A 246 -18.53 -9.66 -10.96
CA THR A 246 -19.12 -11.00 -11.01
C THR A 246 -18.77 -11.77 -9.73
N ILE A 247 -19.49 -12.86 -9.49
CA ILE A 247 -19.25 -13.73 -8.32
C ILE A 247 -17.83 -14.34 -8.26
N ASP A 248 -17.24 -14.60 -9.43
CA ASP A 248 -15.86 -15.11 -9.55
C ASP A 248 -14.81 -14.21 -8.87
N VAL A 249 -14.99 -12.89 -8.99
CA VAL A 249 -14.10 -11.89 -8.38
C VAL A 249 -14.36 -11.82 -6.86
N TYR A 250 -15.64 -11.72 -6.48
CA TYR A 250 -16.06 -11.71 -5.07
C TYR A 250 -15.61 -12.94 -4.28
N MET A 251 -15.66 -14.12 -4.91
CA MET A 251 -15.14 -15.38 -4.33
C MET A 251 -13.67 -15.31 -3.86
N ILE A 252 -12.83 -14.58 -4.60
CA ILE A 252 -11.42 -14.39 -4.24
C ILE A 252 -11.32 -13.46 -3.00
N MET A 253 -12.11 -12.38 -2.99
CA MET A 253 -12.21 -11.47 -1.82
C MET A 253 -12.66 -12.23 -0.56
N VAL A 254 -13.66 -13.10 -0.71
CA VAL A 254 -14.21 -13.91 0.41
C VAL A 254 -13.17 -14.91 0.97
N LYS A 255 -12.39 -15.54 0.10
CA LYS A 255 -11.27 -16.40 0.53
C LYS A 255 -10.18 -15.66 1.33
N CYS A 256 -9.95 -14.38 1.01
CA CYS A 256 -9.03 -13.52 1.78
C CYS A 256 -9.50 -13.22 3.23
N TRP A 257 -10.81 -13.26 3.45
CA TRP A 257 -11.44 -12.95 4.76
C TRP A 257 -11.85 -14.17 5.62
N MET A 258 -11.27 -15.35 5.36
CA MET A 258 -11.50 -16.56 6.18
C MET A 258 -10.90 -16.34 7.57
N ILE A 259 -11.61 -16.80 8.61
CA ILE A 259 -11.12 -16.67 10.02
C ILE A 259 -9.87 -17.55 10.24
N ASP A 260 -9.88 -18.76 9.68
CA ASP A 260 -8.69 -19.63 9.66
C ASP A 260 -7.68 -19.07 8.64
N SER A 261 -6.60 -18.49 9.16
CA SER A 261 -5.53 -17.88 8.34
C SER A 261 -4.83 -18.82 7.35
N GLU A 262 -4.76 -20.10 7.68
CA GLU A 262 -4.18 -21.13 6.79
C GLU A 262 -5.00 -21.41 5.53
N CYS A 263 -6.32 -21.22 5.61
CA CYS A 263 -7.24 -21.39 4.46
C CYS A 263 -7.28 -20.21 3.48
N ARG A 264 -6.70 -19.06 3.85
CA ARG A 264 -6.58 -17.90 2.95
C ARG A 264 -5.59 -18.20 1.83
N PRO A 265 -5.79 -17.64 0.62
CA PRO A 265 -4.85 -17.90 -0.48
C PRO A 265 -3.47 -17.24 -0.26
N ARG A 266 -2.45 -17.79 -0.92
CA ARG A 266 -1.11 -17.21 -0.92
C ARG A 266 -1.05 -16.07 -1.94
N PHE A 267 -0.17 -15.10 -1.72
CA PHE A 267 0.00 -13.96 -2.65
C PHE A 267 0.37 -14.40 -4.09
N ARG A 268 1.22 -15.42 -4.22
CA ARG A 268 1.56 -16.00 -5.55
C ARG A 268 0.36 -16.66 -6.27
N GLU A 269 -0.56 -17.25 -5.51
CA GLU A 269 -1.84 -17.76 -6.04
C GLU A 269 -2.79 -16.63 -6.46
N LEU A 270 -2.78 -15.51 -5.71
CA LEU A 270 -3.53 -14.29 -6.10
C LEU A 270 -3.00 -13.64 -7.38
N VAL A 271 -1.67 -13.64 -7.58
CA VAL A 271 -1.04 -13.21 -8.85
C VAL A 271 -1.56 -14.05 -10.03
N SER A 272 -1.59 -15.37 -9.85
CA SER A 272 -2.14 -16.32 -10.85
C SER A 272 -3.61 -16.06 -11.23
N GLU A 273 -4.45 -15.87 -10.21
CA GLU A 273 -5.90 -15.66 -10.40
C GLU A 273 -6.22 -14.37 -11.17
N PHE A 274 -5.67 -13.25 -10.71
CA PHE A 274 -5.91 -11.94 -11.35
C PHE A 274 -5.20 -11.75 -12.70
N SER A 275 -4.08 -12.43 -12.91
CA SER A 275 -3.45 -12.51 -14.26
C SER A 275 -4.36 -13.18 -15.28
N ARG A 276 -5.02 -14.27 -14.87
CA ARG A 276 -6.02 -14.99 -15.69
C ARG A 276 -7.24 -14.12 -16.01
N MET A 277 -7.77 -13.43 -14.99
CA MET A 277 -8.89 -12.50 -15.16
C MET A 277 -8.54 -11.25 -15.99
N ALA A 278 -7.31 -10.76 -15.84
CA ALA A 278 -6.77 -9.68 -16.69
C ALA A 278 -6.64 -9.99 -18.21
N ARG A 279 -6.54 -11.28 -18.56
N ARG A 279 -6.54 -11.28 -18.56
CA ARG A 279 -6.57 -11.74 -19.96
CA ARG A 279 -6.58 -11.74 -19.95
C ARG A 279 -7.98 -11.85 -20.59
C ARG A 279 -7.98 -11.85 -20.59
N ASP A 280 -9.04 -11.58 -19.81
CA ASP A 280 -10.42 -11.49 -20.34
C ASP A 280 -11.25 -10.62 -19.35
N PRO A 281 -10.91 -9.33 -19.21
CA PRO A 281 -11.48 -8.50 -18.14
C PRO A 281 -12.99 -8.26 -18.21
N GLN A 282 -13.54 -8.10 -19.42
CA GLN A 282 -14.99 -7.91 -19.61
C GLN A 282 -15.87 -9.12 -19.22
N ARG A 283 -15.30 -10.33 -19.23
CA ARG A 283 -15.97 -11.53 -18.68
C ARG A 283 -16.26 -11.43 -17.18
N PHE A 284 -15.33 -10.83 -16.42
CA PHE A 284 -15.36 -10.83 -14.93
C PHE A 284 -15.83 -9.54 -14.25
N VAL A 285 -15.68 -8.38 -14.89
CA VAL A 285 -16.09 -7.07 -14.35
C VAL A 285 -16.99 -6.39 -15.38
N VAL A 286 -18.10 -5.82 -14.92
CA VAL A 286 -19.18 -5.28 -15.77
C VAL A 286 -19.26 -3.76 -15.56
N ILE A 287 -18.64 -3.03 -16.49
CA ILE A 287 -18.68 -1.55 -16.55
C ILE A 287 -19.81 -1.15 -17.50
N GLN A 288 -20.40 0.03 -17.27
CA GLN A 288 -21.51 0.56 -18.09
C GLN A 288 -21.09 0.84 -19.54
N ASN A 289 -19.97 1.56 -19.71
CA ASN A 289 -19.36 1.79 -21.03
C ASN A 289 -18.65 0.53 -21.54
#